data_7UTB
#
_entry.id   7UTB
#
_cell.length_a   51.716
_cell.length_b   66.673
_cell.length_c   73.143
_cell.angle_alpha   90.000
_cell.angle_beta   90.000
_cell.angle_gamma   90.000
#
_symmetry.space_group_name_H-M   'P 21 21 21'
#
loop_
_entity.id
_entity.type
_entity.pdbx_description
1 polymer 'Carbapenem-hydrolyzing beta-lactamase KPC'
2 non-polymer [(1~{R})-1-[2-[(5-azanyl-1,3,4-thiadiazol-2-yl)sulfanyl]ethanoylamino]-2-(4-carboxy-1,2,3-triazol-1-yl)ethyl]-$l^{3}-oxidanyl-bis(oxidanyl)boron
3 water water
#
_entity_poly.entity_id   1
_entity_poly.type   'polypeptide(L)'
_entity_poly.pdbx_seq_one_letter_code
;ALTNLVAEPFAKLEQDFGGSIGVYAMDTGSGATVSYRAEERFPLCSSFKGFLAAAVLARSQQQAGLLDTPIRYGKNALVP
WSPISEKYLTTGMTVAELSAAAVQYSDNAAANLLLKELGGPAGLTAFMRSIGDTTFRLDRWELELNSAIPGDARDTSSPR
AVTESLQKLTLGSALAAPQRQQFVDWLKGNTTGNHRIRAAVPADWAVGDKTGTCGVYGTANDYAVVWPTGRAPIVLAVYT
RAPNKDDKHSEAVIAAAARLALEGLG
;
_entity_poly.pdbx_strand_id   A
#
loop_
_chem_comp.id
_chem_comp.type
_chem_comp.name
_chem_comp.formula
OC0 non-polymer [(1~{R})-1-[2-[(5-azanyl-1,3,4-thiadiazol-2-yl)sulfanyl]ethanoylamino]-2-(4-carboxy-1,2,3-triazol-1-yl)ethyl]-$l^{3}-oxidanyl-bis(oxidanyl)boron 'C9 H13 B N7 O6 S2 -1'
#
# COMPACT_ATOMS: atom_id res chain seq x y z
N ASN A 4 0.38 27.43 -9.22
CA ASN A 4 0.92 26.08 -9.51
C ASN A 4 0.01 25.50 -10.60
N LEU A 5 0.35 25.68 -11.88
CA LEU A 5 -0.56 25.23 -12.97
C LEU A 5 -0.60 23.71 -13.05
N VAL A 6 0.50 23.04 -12.69
CA VAL A 6 0.56 21.56 -12.66
C VAL A 6 -0.52 21.07 -11.68
N ALA A 7 -0.70 21.78 -10.57
CA ALA A 7 -1.63 21.34 -9.51
C ALA A 7 -3.09 21.58 -9.89
N GLU A 8 -3.42 22.47 -10.84
CA GLU A 8 -4.86 22.86 -11.02
C GLU A 8 -5.77 21.66 -11.35
N PRO A 9 -5.37 20.72 -12.23
CA PRO A 9 -6.24 19.57 -12.52
C PRO A 9 -6.52 18.71 -11.28
N PHE A 10 -5.53 18.60 -10.38
CA PHE A 10 -5.69 17.82 -9.13
C PHE A 10 -6.66 18.54 -8.19
N ALA A 11 -6.55 19.87 -8.12
CA ALA A 11 -7.49 20.66 -7.27
C ALA A 11 -8.93 20.51 -7.81
N LYS A 12 -9.11 20.55 -9.12
CA LYS A 12 -10.45 20.36 -9.70
C LYS A 12 -10.98 18.95 -9.39
N LEU A 13 -10.10 17.96 -9.51
CA LEU A 13 -10.51 16.56 -9.27
C LEU A 13 -10.98 16.42 -7.83
N GLU A 14 -10.24 16.95 -6.87
CA GLU A 14 -10.59 16.69 -5.45
C GLU A 14 -11.84 17.52 -5.10
N GLN A 15 -12.02 18.67 -5.72
CA GLN A 15 -13.20 19.55 -5.48
C GLN A 15 -14.45 18.82 -5.98
N ASP A 16 -14.39 18.22 -7.15
CA ASP A 16 -15.53 17.44 -7.72
C ASP A 16 -15.79 16.20 -6.85
N PHE A 17 -14.74 15.58 -6.33
CA PHE A 17 -14.84 14.41 -5.43
C PHE A 17 -15.44 14.79 -4.07
N GLY A 18 -15.25 16.03 -3.62
CA GLY A 18 -15.74 16.47 -2.30
C GLY A 18 -14.78 16.20 -1.16
N GLY A 19 -13.47 16.18 -1.46
CA GLY A 19 -12.50 15.94 -0.39
C GLY A 19 -11.13 16.34 -0.83
N SER A 20 -10.15 15.56 -0.42
CA SER A 20 -8.72 15.82 -0.62
C SER A 20 -8.08 14.62 -1.28
N ILE A 21 -7.19 14.90 -2.23
CA ILE A 21 -6.41 13.88 -2.96
CA ILE A 21 -6.40 13.82 -2.86
C ILE A 21 -4.94 14.19 -2.72
N GLY A 22 -4.15 13.17 -2.45
CA GLY A 22 -2.70 13.32 -2.29
C GLY A 22 -1.99 12.42 -3.26
N VAL A 23 -1.04 12.98 -3.99
CA VAL A 23 -0.36 12.25 -5.08
C VAL A 23 1.13 12.52 -4.98
N TYR A 24 1.93 11.49 -5.12
CA TYR A 24 3.36 11.69 -5.37
C TYR A 24 3.78 10.66 -6.41
N ALA A 25 4.50 11.05 -7.44
CA ALA A 25 5.01 10.12 -8.46
C ALA A 25 6.45 10.51 -8.71
N MET A 26 7.28 9.50 -8.87
CA MET A 26 8.73 9.65 -9.10
CA MET A 26 8.71 9.72 -9.16
C MET A 26 9.10 8.85 -10.35
N ASP A 27 9.72 9.50 -11.33
CA ASP A 27 10.38 8.78 -12.44
C ASP A 27 11.78 8.39 -11.97
N THR A 28 12.05 7.11 -11.75
CA THR A 28 13.33 6.66 -11.16
C THR A 28 14.47 6.82 -12.18
N GLY A 29 14.20 7.07 -13.43
CA GLY A 29 15.27 7.38 -14.41
C GLY A 29 15.79 8.80 -14.22
N SER A 30 14.89 9.76 -14.41
CA SER A 30 15.18 11.20 -14.61
C SER A 30 15.14 11.93 -13.27
N GLY A 31 14.45 11.38 -12.27
CA GLY A 31 14.20 12.08 -11.02
C GLY A 31 13.06 13.08 -11.14
N ALA A 32 12.35 13.14 -12.27
CA ALA A 32 11.15 14.01 -12.41
C ALA A 32 10.10 13.55 -11.40
N THR A 33 9.35 14.50 -10.88
CA THR A 33 8.28 14.16 -9.92
C THR A 33 7.02 14.91 -10.26
N VAL A 34 5.90 14.40 -9.75
CA VAL A 34 4.62 15.09 -9.70
C VAL A 34 4.13 15.03 -8.26
N SER A 35 3.65 16.14 -7.69
CA SER A 35 3.43 16.27 -6.24
C SER A 35 2.14 17.06 -6.05
N TYR A 36 1.18 16.53 -5.29
CA TYR A 36 -0.03 17.26 -4.94
C TYR A 36 -0.43 16.82 -3.53
N ARG A 37 -0.40 17.78 -2.59
CA ARG A 37 -0.62 17.44 -1.16
C ARG A 37 0.28 16.29 -0.77
N ALA A 38 1.49 16.24 -1.29
CA ALA A 38 2.28 15.01 -1.22
C ALA A 38 2.77 14.76 0.18
N GLU A 39 2.89 15.76 1.04
CA GLU A 39 3.43 15.57 2.40
C GLU A 39 2.33 15.62 3.44
N GLU A 40 1.06 15.67 3.04
CA GLU A 40 -0.07 15.58 3.98
C GLU A 40 -0.29 14.13 4.38
N ARG A 41 -0.80 13.93 5.58
CA ARG A 41 -1.14 12.59 6.08
C ARG A 41 -2.50 12.13 5.58
N PHE A 42 -2.57 10.87 5.21
CA PHE A 42 -3.80 10.18 4.84
C PHE A 42 -3.78 8.85 5.55
N PRO A 43 -4.96 8.29 5.87
CA PRO A 43 -5.00 6.96 6.48
C PRO A 43 -4.43 5.91 5.50
N LEU A 44 -3.67 4.97 6.06
CA LEU A 44 -3.09 3.86 5.29
C LEU A 44 -4.17 2.86 4.88
N CYS A 45 -5.15 2.62 5.75
CA CYS A 45 -6.12 1.53 5.51
C CYS A 45 -5.31 0.25 5.24
N SER A 46 -5.78 -0.62 4.35
CA SER A 46 -5.08 -1.91 4.15
CA SER A 46 -5.11 -1.92 4.10
C SER A 46 -3.79 -1.73 3.35
N SER A 47 -3.48 -0.52 2.90
CA SER A 47 -2.22 -0.33 2.15
C SER A 47 -1.01 -0.59 3.04
N PHE A 48 -1.17 -0.59 4.36
CA PHE A 48 -0.03 -0.94 5.24
C PHE A 48 0.46 -2.36 5.00
N LYS A 49 -0.36 -3.22 4.41
CA LYS A 49 -0.03 -4.65 4.30
C LYS A 49 1.13 -4.86 3.33
N GLY A 50 1.33 -4.00 2.35
CA GLY A 50 2.53 -4.13 1.51
C GLY A 50 3.79 -3.97 2.33
N PHE A 51 3.85 -2.91 3.10
CA PHE A 51 5.03 -2.65 3.95
C PHE A 51 5.16 -3.74 5.00
N LEU A 52 4.05 -4.28 5.51
CA LEU A 52 4.09 -5.43 6.43
C LEU A 52 4.85 -6.58 5.75
N ALA A 53 4.46 -6.92 4.56
CA ALA A 53 5.10 -8.05 3.83
C ALA A 53 6.58 -7.76 3.65
N ALA A 54 6.95 -6.53 3.35
CA ALA A 54 8.37 -6.19 3.18
C ALA A 54 9.09 -6.38 4.52
N ALA A 55 8.50 -5.95 5.63
CA ALA A 55 9.11 -6.11 6.96
C ALA A 55 9.30 -7.59 7.29
N VAL A 56 8.34 -8.43 6.93
CA VAL A 56 8.48 -9.89 7.15
C VAL A 56 9.60 -10.40 6.28
N LEU A 57 9.71 -9.99 5.02
CA LEU A 57 10.83 -10.41 4.17
C LEU A 57 12.16 -10.00 4.81
N ALA A 58 12.26 -8.78 5.33
CA ALA A 58 13.53 -8.37 5.97
C ALA A 58 13.85 -9.27 7.15
N ARG A 59 12.86 -9.62 7.96
CA ARG A 59 13.10 -10.51 9.12
C ARG A 59 13.60 -11.86 8.59
N SER A 60 13.04 -12.32 7.48
CA SER A 60 13.32 -13.66 6.93
C SER A 60 14.77 -13.76 6.47
N GLN A 61 15.44 -12.64 6.25
CA GLN A 61 16.87 -12.65 5.85
C GLN A 61 17.72 -13.21 6.99
N GLN A 62 17.31 -12.94 8.21
CA GLN A 62 18.08 -13.23 9.43
C GLN A 62 17.61 -14.51 10.09
N GLN A 63 16.38 -14.95 9.85
CA GLN A 63 15.75 -16.10 10.53
C GLN A 63 15.56 -17.21 9.50
N ALA A 64 16.51 -18.15 9.48
CA ALA A 64 16.58 -19.16 8.41
C ALA A 64 15.29 -19.96 8.39
N GLY A 65 14.68 -20.06 7.20
CA GLY A 65 13.43 -20.82 7.03
C GLY A 65 12.16 -20.13 7.52
N LEU A 66 12.21 -18.87 7.94
CA LEU A 66 11.00 -18.17 8.41
C LEU A 66 9.95 -18.20 7.31
N LEU A 67 10.28 -17.82 6.07
CA LEU A 67 9.20 -17.72 5.07
C LEU A 67 8.58 -19.08 4.79
N ASP A 68 9.30 -20.17 5.01
CA ASP A 68 8.84 -21.55 4.73
C ASP A 68 8.08 -22.13 5.91
N THR A 69 7.99 -21.42 7.02
CA THR A 69 7.40 -21.97 8.26
C THR A 69 5.90 -22.04 8.15
N PRO A 70 5.30 -23.23 8.39
CA PRO A 70 3.84 -23.33 8.40
C PRO A 70 3.30 -22.72 9.70
N ILE A 71 2.31 -21.84 9.58
CA ILE A 71 1.57 -21.25 10.72
C ILE A 71 0.22 -21.99 10.80
N ARG A 72 -0.01 -22.72 11.90
CA ARG A 72 -1.24 -23.49 12.12
C ARG A 72 -2.16 -22.68 13.04
N TYR A 73 -2.78 -21.67 12.48
CA TYR A 73 -3.64 -20.70 13.20
C TYR A 73 -4.99 -21.37 13.47
N GLY A 74 -5.63 -20.89 14.51
CA GLY A 74 -6.99 -21.34 14.84
C GLY A 74 -8.02 -20.33 14.40
N LYS A 75 -9.28 -20.70 14.62
CA LYS A 75 -10.40 -19.82 14.22
C LYS A 75 -10.35 -18.50 15.00
N ASN A 76 -9.77 -18.45 16.20
CA ASN A 76 -9.78 -17.16 16.95
CA ASN A 76 -9.60 -17.23 17.05
C ASN A 76 -8.81 -16.15 16.30
N ALA A 77 -7.95 -16.56 15.37
CA ALA A 77 -7.13 -15.62 14.57
C ALA A 77 -7.95 -15.01 13.42
N LEU A 78 -9.11 -15.55 13.08
CA LEU A 78 -9.88 -15.06 11.89
C LEU A 78 -10.67 -13.80 12.27
N VAL A 79 -10.85 -12.91 11.31
CA VAL A 79 -11.60 -11.65 11.41
C VAL A 79 -12.26 -11.45 10.06
N PRO A 80 -13.30 -10.60 9.98
CA PRO A 80 -13.98 -10.41 8.71
C PRO A 80 -13.06 -10.07 7.55
N TRP A 81 -13.42 -10.53 6.38
CA TRP A 81 -12.74 -10.17 5.10
C TRP A 81 -11.35 -10.83 5.12
N SER A 82 -11.34 -12.14 5.35
CA SER A 82 -10.12 -12.98 5.42
C SER A 82 -10.31 -14.21 4.53
N PRO A 83 -10.59 -14.00 3.24
CA PRO A 83 -11.07 -15.10 2.40
C PRO A 83 -10.03 -16.20 2.22
N ILE A 84 -8.74 -15.88 2.19
CA ILE A 84 -7.68 -16.89 2.01
C ILE A 84 -7.43 -17.61 3.34
N SER A 85 -7.37 -16.86 4.44
CA SER A 85 -7.17 -17.45 5.77
C SER A 85 -8.32 -18.44 6.09
N GLU A 86 -9.53 -18.07 5.77
CA GLU A 86 -10.66 -19.01 6.03
C GLU A 86 -10.51 -20.25 5.17
N LYS A 87 -10.15 -20.08 3.89
CA LYS A 87 -10.07 -21.21 2.92
C LYS A 87 -9.06 -22.19 3.45
N TYR A 88 -7.92 -21.72 4.00
CA TYR A 88 -6.81 -22.60 4.44
C TYR A 88 -6.86 -22.85 5.93
N LEU A 89 -7.92 -22.50 6.65
CA LEU A 89 -7.99 -22.71 8.11
C LEU A 89 -7.67 -24.16 8.45
N THR A 90 -8.19 -25.12 7.71
CA THR A 90 -8.06 -26.56 8.06
C THR A 90 -6.73 -27.12 7.54
N THR A 91 -5.86 -26.29 6.95
CA THR A 91 -4.56 -26.66 6.30
C THR A 91 -3.38 -25.96 7.03
N GLY A 92 -3.56 -24.69 7.39
CA GLY A 92 -2.48 -23.75 7.76
C GLY A 92 -1.85 -23.14 6.51
N MET A 93 -0.97 -22.17 6.75
CA MET A 93 -0.34 -21.41 5.64
C MET A 93 1.09 -21.13 6.08
N THR A 94 2.01 -21.15 5.14
CA THR A 94 3.37 -20.70 5.44
C THR A 94 3.39 -19.18 5.56
N VAL A 95 4.44 -18.65 6.17
CA VAL A 95 4.61 -17.19 6.31
C VAL A 95 4.61 -16.57 4.92
N ALA A 96 5.24 -17.17 3.90
CA ALA A 96 5.18 -16.62 2.53
C ALA A 96 3.76 -16.58 2.02
N GLU A 97 3.00 -17.63 2.25
CA GLU A 97 1.59 -17.72 1.79
C GLU A 97 0.74 -16.65 2.50
N LEU A 98 0.94 -16.47 3.79
CA LEU A 98 0.22 -15.43 4.57
C LEU A 98 0.54 -14.07 3.96
N SER A 99 1.82 -13.85 3.66
CA SER A 99 2.29 -12.55 3.10
C SER A 99 1.62 -12.30 1.76
N ALA A 100 1.58 -13.30 0.89
CA ALA A 100 0.91 -13.16 -0.42
C ALA A 100 -0.59 -12.91 -0.22
N ALA A 101 -1.21 -13.54 0.75
CA ALA A 101 -2.65 -13.34 0.98
C ALA A 101 -2.90 -11.90 1.44
N ALA A 102 -2.09 -11.39 2.36
CA ALA A 102 -2.21 -10.03 2.87
C ALA A 102 -2.05 -9.02 1.71
N VAL A 103 -1.07 -9.24 0.87
CA VAL A 103 -0.76 -8.28 -0.22
C VAL A 103 -1.81 -8.40 -1.33
N GLN A 104 -2.12 -9.63 -1.77
CA GLN A 104 -2.85 -9.83 -3.05
C GLN A 104 -4.35 -9.91 -2.87
N TYR A 105 -4.83 -10.22 -1.68
CA TYR A 105 -6.28 -10.31 -1.36
C TYR A 105 -6.64 -9.37 -0.22
N SER A 106 -5.68 -8.66 0.34
CA SER A 106 -5.92 -7.76 1.48
C SER A 106 -6.48 -8.57 2.66
N ASP A 107 -6.06 -9.81 2.82
CA ASP A 107 -6.62 -10.72 3.83
C ASP A 107 -6.35 -10.17 5.24
N ASN A 108 -7.39 -9.92 6.01
CA ASN A 108 -7.20 -9.25 7.33
C ASN A 108 -6.54 -10.17 8.36
N ALA A 109 -6.95 -11.42 8.48
CA ALA A 109 -6.39 -12.35 9.47
C ALA A 109 -4.91 -12.59 9.17
N ALA A 110 -4.58 -12.76 7.91
CA ALA A 110 -3.19 -13.00 7.52
C ALA A 110 -2.38 -11.81 7.96
N ALA A 111 -2.88 -10.59 7.71
CA ALA A 111 -2.13 -9.37 8.14
C ALA A 111 -1.94 -9.35 9.63
N ASN A 112 -2.93 -9.66 10.43
CA ASN A 112 -2.78 -9.62 11.89
C ASN A 112 -1.81 -10.71 12.34
N LEU A 113 -1.82 -11.87 11.68
CA LEU A 113 -0.85 -12.95 12.06
C LEU A 113 0.58 -12.48 11.81
N LEU A 114 0.81 -11.83 10.69
CA LEU A 114 2.18 -11.35 10.38
C LEU A 114 2.54 -10.18 11.30
N LEU A 115 1.62 -9.29 11.62
CA LEU A 115 1.90 -8.24 12.60
C LEU A 115 2.36 -8.86 13.90
N LYS A 116 1.74 -9.95 14.31
CA LYS A 116 2.10 -10.59 15.61
C LYS A 116 3.55 -11.05 15.49
N GLU A 117 3.98 -11.57 14.36
CA GLU A 117 5.36 -12.06 14.12
C GLU A 117 6.34 -10.90 14.30
N LEU A 118 5.96 -9.67 13.94
CA LEU A 118 6.85 -8.49 13.92
C LEU A 118 6.86 -7.75 15.25
N GLY A 119 6.02 -8.11 16.21
CA GLY A 119 5.86 -7.31 17.44
C GLY A 119 4.80 -6.21 17.29
N GLY A 120 3.79 -6.45 16.45
CA GLY A 120 2.63 -5.58 16.43
C GLY A 120 2.87 -4.36 15.56
N PRO A 121 1.87 -3.47 15.53
CA PRO A 121 2.02 -2.18 14.84
C PRO A 121 3.32 -1.44 15.18
N ALA A 122 3.74 -1.45 16.44
CA ALA A 122 4.99 -0.77 16.84
C ALA A 122 6.16 -1.41 16.10
N GLY A 123 6.17 -2.75 15.97
CA GLY A 123 7.22 -3.44 15.22
C GLY A 123 7.30 -2.98 13.76
N LEU A 124 6.16 -2.91 13.12
CA LEU A 124 6.16 -2.48 11.70
C LEU A 124 6.61 -1.01 11.61
N THR A 125 6.14 -0.15 12.52
CA THR A 125 6.62 1.24 12.52
C THR A 125 8.13 1.28 12.67
N ALA A 126 8.69 0.48 13.59
CA ALA A 126 10.16 0.44 13.77
C ALA A 126 10.87 0.01 12.50
N PHE A 127 10.34 -0.96 11.78
CA PHE A 127 10.95 -1.36 10.51
C PHE A 127 10.99 -0.15 9.54
N MET A 128 9.86 0.55 9.45
CA MET A 128 9.81 1.70 8.49
C MET A 128 10.81 2.79 8.92
N ARG A 129 10.95 3.00 10.23
CA ARG A 129 11.99 3.97 10.69
C ARG A 129 13.37 3.47 10.27
N SER A 130 13.59 2.16 10.30
CA SER A 130 14.94 1.60 10.00
C SER A 130 15.34 1.83 8.54
N ILE A 131 14.37 2.00 7.63
CA ILE A 131 14.69 2.26 6.20
C ILE A 131 14.68 3.75 5.92
N GLY A 132 14.47 4.57 6.94
CA GLY A 132 14.59 6.04 6.78
C GLY A 132 13.25 6.71 6.54
N ASP A 133 12.11 6.05 6.83
CA ASP A 133 10.77 6.67 6.73
C ASP A 133 10.37 7.23 8.10
N THR A 134 10.31 8.55 8.23
CA THR A 134 9.96 9.21 9.52
C THR A 134 8.48 9.52 9.62
N THR A 135 7.71 9.32 8.54
CA THR A 135 6.28 9.73 8.49
C THR A 135 5.36 8.57 8.85
N PHE A 136 5.63 7.40 8.29
CA PHE A 136 4.75 6.23 8.48
C PHE A 136 4.47 5.98 9.95
N ARG A 137 3.22 5.72 10.31
CA ARG A 137 2.95 5.16 11.65
C ARG A 137 1.80 4.19 11.52
N LEU A 138 1.98 3.01 12.10
CA LEU A 138 0.87 2.08 12.34
C LEU A 138 0.73 1.96 13.86
N ASP A 139 -0.49 2.12 14.32
CA ASP A 139 -0.81 2.18 15.76
C ASP A 139 -1.74 1.05 16.16
N ARG A 140 -2.56 0.57 15.25
CA ARG A 140 -3.66 -0.39 15.55
C ARG A 140 -3.63 -1.57 14.59
N TRP A 141 -4.46 -2.57 14.91
CA TRP A 141 -4.56 -3.84 14.16
C TRP A 141 -5.78 -3.77 13.25
N GLU A 142 -5.96 -4.77 12.37
CA GLU A 142 -7.25 -4.95 11.65
C GLU A 142 -8.28 -5.39 12.68
N LEU A 143 -9.50 -4.84 12.70
CA LEU A 143 -10.00 -3.86 11.74
CA LEU A 143 -10.07 -3.87 11.78
C LEU A 143 -10.01 -2.43 12.31
N GLU A 144 -9.54 -2.23 13.53
CA GLU A 144 -9.66 -0.92 14.18
C GLU A 144 -8.89 0.18 13.45
N LEU A 145 -7.83 -0.18 12.75
CA LEU A 145 -6.97 0.84 12.07
C LEU A 145 -7.71 1.56 10.94
N ASN A 146 -8.93 1.19 10.59
CA ASN A 146 -9.63 1.79 9.43
C ASN A 146 -10.53 2.97 9.80
N SER A 147 -10.51 3.46 11.03
CA SER A 147 -11.50 4.49 11.45
C SER A 147 -11.37 5.78 10.62
N ALA A 148 -10.15 6.17 10.20
CA ALA A 148 -9.98 7.29 9.25
C ALA A 148 -10.59 8.62 9.73
N ILE A 149 -10.55 8.84 11.02
CA ILE A 149 -11.16 10.06 11.61
C ILE A 149 -10.36 11.28 11.16
N PRO A 150 -11.00 12.32 10.61
CA PRO A 150 -10.26 13.50 10.17
C PRO A 150 -9.45 14.07 11.33
N GLY A 151 -8.17 14.35 11.09
CA GLY A 151 -7.27 14.96 12.08
C GLY A 151 -6.63 13.99 13.03
N ASP A 152 -6.94 12.69 12.93
CA ASP A 152 -6.31 11.62 13.72
C ASP A 152 -5.08 11.14 12.96
N ALA A 153 -3.89 11.24 13.53
CA ALA A 153 -2.65 10.84 12.84
C ALA A 153 -2.42 9.32 12.93
N ARG A 154 -3.17 8.61 13.75
CA ARG A 154 -2.92 7.16 13.87
C ARG A 154 -3.09 6.46 12.52
N ASP A 155 -2.22 5.52 12.24
CA ASP A 155 -2.34 4.63 11.07
C ASP A 155 -2.36 5.49 9.79
N THR A 156 -1.41 6.39 9.68
CA THR A 156 -1.31 7.30 8.52
C THR A 156 0.10 7.30 7.96
N SER A 157 0.22 7.75 6.71
CA SER A 157 1.49 8.18 6.15
C SER A 157 1.19 9.27 5.14
N SER A 158 2.17 9.69 4.38
CA SER A 158 1.98 10.67 3.30
C SER A 158 2.25 10.01 1.97
N PRO A 159 1.66 10.51 0.89
CA PRO A 159 1.98 9.96 -0.44
C PRO A 159 3.47 9.94 -0.75
N ARG A 160 4.14 11.02 -0.41
CA ARG A 160 5.60 11.10 -0.66
C ARG A 160 6.33 10.01 0.12
N ALA A 161 6.10 9.87 1.41
CA ALA A 161 6.82 8.87 2.22
C ALA A 161 6.49 7.46 1.75
N VAL A 162 5.24 7.20 1.39
CA VAL A 162 4.86 5.89 0.81
C VAL A 162 5.67 5.63 -0.45
N THR A 163 5.76 6.58 -1.35
CA THR A 163 6.48 6.38 -2.62
C THR A 163 7.97 6.20 -2.35
N GLU A 164 8.55 6.99 -1.48
CA GLU A 164 9.98 6.91 -1.21
C GLU A 164 10.25 5.53 -0.60
N SER A 165 9.48 5.09 0.38
CA SER A 165 9.71 3.76 0.99
C SER A 165 9.46 2.66 -0.05
N LEU A 166 8.43 2.78 -0.85
CA LEU A 166 8.17 1.73 -1.87
C LEU A 166 9.39 1.62 -2.79
N GLN A 167 9.96 2.74 -3.24
N GLN A 167 9.94 2.75 -3.24
CA GLN A 167 11.14 2.70 -4.13
CA GLN A 167 11.15 2.78 -4.10
C GLN A 167 12.30 1.99 -3.44
C GLN A 167 12.28 1.98 -3.42
N LYS A 168 12.53 2.29 -2.17
CA LYS A 168 13.68 1.65 -1.46
C LYS A 168 13.51 0.13 -1.41
N LEU A 169 12.29 -0.35 -1.21
CA LEU A 169 12.00 -1.78 -0.99
C LEU A 169 11.89 -2.53 -2.30
N THR A 170 11.35 -1.93 -3.36
CA THR A 170 11.11 -2.63 -4.65
C THR A 170 12.29 -2.49 -5.60
N LEU A 171 13.01 -1.38 -5.54
CA LEU A 171 14.00 -1.07 -6.59
C LEU A 171 15.34 -0.81 -5.95
N GLY A 172 15.41 -0.42 -4.71
CA GLY A 172 16.67 -0.08 -4.03
C GLY A 172 17.20 -1.23 -3.22
N SER A 173 17.97 -0.92 -2.19
CA SER A 173 18.74 -1.94 -1.47
C SER A 173 18.20 -2.16 -0.06
N ALA A 174 17.02 -1.69 0.29
CA ALA A 174 16.49 -1.90 1.65
C ALA A 174 16.33 -3.38 1.95
N LEU A 175 15.91 -4.18 0.97
CA LEU A 175 15.85 -5.65 1.11
C LEU A 175 17.04 -6.28 0.36
N ALA A 176 17.46 -7.45 0.81
CA ALA A 176 18.39 -8.26 -0.02
C ALA A 176 17.69 -8.61 -1.33
N ALA A 177 18.42 -8.88 -2.40
CA ALA A 177 17.82 -8.99 -3.74
C ALA A 177 16.76 -10.07 -3.80
N PRO A 178 16.96 -11.31 -3.27
CA PRO A 178 15.91 -12.31 -3.42
C PRO A 178 14.61 -11.92 -2.69
N GLN A 179 14.73 -11.13 -1.67
CA GLN A 179 13.57 -10.62 -0.90
C GLN A 179 12.93 -9.44 -1.64
N ARG A 180 13.70 -8.53 -2.20
CA ARG A 180 13.17 -7.48 -3.10
C ARG A 180 12.34 -8.14 -4.19
N GLN A 181 12.87 -9.19 -4.83
CA GLN A 181 12.18 -9.85 -5.94
C GLN A 181 10.87 -10.47 -5.47
N GLN A 182 10.87 -11.10 -4.30
CA GLN A 182 9.62 -11.68 -3.80
C GLN A 182 8.59 -10.61 -3.54
N PHE A 183 9.00 -9.47 -3.02
CA PHE A 183 8.06 -8.36 -2.72
C PHE A 183 7.44 -7.86 -4.02
N VAL A 184 8.28 -7.63 -5.04
CA VAL A 184 7.81 -7.22 -6.38
C VAL A 184 6.83 -8.25 -6.91
N ASP A 185 7.13 -9.54 -6.80
CA ASP A 185 6.21 -10.54 -7.38
C ASP A 185 4.89 -10.55 -6.65
N TRP A 186 4.89 -10.36 -5.33
CA TRP A 186 3.60 -10.28 -4.60
C TRP A 186 2.81 -9.08 -5.10
N LEU A 187 3.43 -7.92 -5.22
CA LEU A 187 2.69 -6.73 -5.70
C LEU A 187 2.17 -6.91 -7.14
N LYS A 188 2.96 -7.54 -7.99
CA LYS A 188 2.53 -7.78 -9.40
CA LYS A 188 2.52 -7.76 -9.40
C LYS A 188 1.29 -8.68 -9.44
N GLY A 189 1.18 -9.61 -8.51
CA GLY A 189 0.06 -10.56 -8.44
C GLY A 189 -1.15 -10.04 -7.67
N ASN A 190 -1.16 -8.76 -7.31
CA ASN A 190 -2.31 -8.23 -6.55
C ASN A 190 -3.59 -8.40 -7.39
N THR A 191 -4.69 -8.75 -6.73
CA THR A 191 -6.01 -8.95 -7.37
C THR A 191 -6.97 -7.79 -7.13
N THR A 192 -6.68 -6.88 -6.20
CA THR A 192 -7.64 -5.90 -5.68
C THR A 192 -7.54 -4.53 -6.34
N GLY A 193 -6.61 -4.32 -7.24
CA GLY A 193 -6.36 -2.95 -7.76
C GLY A 193 -6.70 -2.70 -9.20
N ASN A 194 -7.55 -3.52 -9.84
CA ASN A 194 -7.76 -3.37 -11.29
C ASN A 194 -8.48 -2.07 -11.65
N HIS A 195 -9.13 -1.40 -10.71
CA HIS A 195 -9.89 -0.15 -11.04
C HIS A 195 -9.17 1.10 -10.53
N ARG A 196 -7.93 0.96 -10.07
CA ARG A 196 -7.18 2.07 -9.45
C ARG A 196 -5.98 2.37 -10.34
N ILE A 197 -4.75 2.38 -9.85
CA ILE A 197 -3.61 2.79 -10.70
C ILE A 197 -3.55 1.93 -11.96
N ARG A 198 -3.84 0.64 -11.87
CA ARG A 198 -3.80 -0.27 -13.03
C ARG A 198 -4.70 0.24 -14.14
N ALA A 199 -5.81 0.92 -13.83
CA ALA A 199 -6.78 1.40 -14.83
C ALA A 199 -6.22 2.64 -15.53
N ALA A 200 -5.16 3.24 -15.04
CA ALA A 200 -4.55 4.45 -15.63
C ALA A 200 -3.37 4.11 -16.53
N VAL A 201 -2.88 2.88 -16.51
CA VAL A 201 -1.61 2.39 -17.12
CA VAL A 201 -1.63 2.60 -17.27
C VAL A 201 -1.95 1.79 -18.50
N PRO A 202 -1.17 2.05 -19.57
CA PRO A 202 -1.29 1.23 -20.76
C PRO A 202 -1.19 -0.27 -20.46
N ALA A 203 -1.91 -1.09 -21.23
CA ALA A 203 -2.05 -2.54 -20.95
C ALA A 203 -0.73 -3.29 -21.06
N ASP A 204 0.24 -2.79 -21.83
CA ASP A 204 1.51 -3.52 -22.03
C ASP A 204 2.51 -3.24 -20.90
N TRP A 205 2.22 -2.32 -19.99
CA TRP A 205 3.15 -1.97 -18.88
C TRP A 205 2.92 -2.89 -17.69
N ALA A 206 3.96 -3.38 -17.09
CA ALA A 206 3.84 -4.21 -15.87
C ALA A 206 3.59 -3.28 -14.66
N VAL A 207 2.78 -3.79 -13.75
CA VAL A 207 2.40 -3.02 -12.55
C VAL A 207 2.41 -3.94 -11.35
N GLY A 208 2.92 -3.45 -10.24
CA GLY A 208 2.64 -4.09 -8.94
C GLY A 208 2.03 -3.06 -8.01
N ASP A 209 1.00 -3.38 -7.27
CA ASP A 209 0.33 -2.35 -6.45
C ASP A 209 -0.21 -2.96 -5.16
N LYS A 210 -0.54 -2.08 -4.23
CA LYS A 210 -1.31 -2.46 -3.03
C LYS A 210 -2.34 -1.36 -2.77
N THR A 211 -3.58 -1.80 -2.59
CA THR A 211 -4.73 -0.93 -2.33
C THR A 211 -5.04 -0.83 -0.83
N GLY A 212 -5.80 0.20 -0.51
CA GLY A 212 -6.38 0.32 0.81
C GLY A 212 -7.74 0.94 0.67
N THR A 213 -8.67 0.49 1.50
CA THR A 213 -10.00 1.10 1.54
C THR A 213 -10.48 1.16 2.99
N CYS A 214 -10.62 2.35 3.56
CA CYS A 214 -11.27 2.54 4.88
C CYS A 214 -12.77 2.71 4.63
N GLY A 215 -13.18 3.36 3.55
CA GLY A 215 -14.58 3.50 3.11
C GLY A 215 -15.26 4.72 3.73
N VAL A 216 -15.19 4.80 5.04
CA VAL A 216 -15.66 6.00 5.76
C VAL A 216 -14.81 7.19 5.35
N TYR A 217 -15.37 8.37 5.46
CA TYR A 217 -14.61 9.64 5.23
C TYR A 217 -13.97 9.61 3.84
N GLY A 218 -14.65 9.07 2.83
CA GLY A 218 -14.13 9.02 1.46
C GLY A 218 -12.71 8.51 1.35
N THR A 219 -12.32 7.56 2.19
CA THR A 219 -10.87 7.27 2.38
C THR A 219 -10.52 5.99 1.65
N ALA A 220 -9.65 6.09 0.68
CA ALA A 220 -9.12 4.92 -0.05
C ALA A 220 -7.85 5.31 -0.78
N ASN A 221 -7.11 4.33 -1.26
CA ASN A 221 -5.76 4.64 -1.77
C ASN A 221 -5.25 3.48 -2.59
N ASP A 222 -4.11 3.74 -3.21
CA ASP A 222 -3.34 2.73 -3.99
C ASP A 222 -1.91 3.24 -4.08
N TYR A 223 -0.95 2.35 -4.07
CA TYR A 223 0.42 2.72 -4.47
C TYR A 223 0.97 1.63 -5.38
N ALA A 224 1.89 2.00 -6.25
CA ALA A 224 2.37 1.09 -7.30
C ALA A 224 3.78 1.36 -7.73
N VAL A 225 4.39 0.29 -8.20
N VAL A 225 4.42 0.31 -8.21
CA VAL A 225 5.51 0.39 -9.14
CA VAL A 225 5.65 0.40 -9.04
C VAL A 225 4.99 0.05 -10.51
C VAL A 225 5.25 -0.05 -10.46
N VAL A 226 5.48 0.82 -11.45
CA VAL A 226 5.03 0.67 -12.85
C VAL A 226 6.27 0.62 -13.72
N TRP A 227 6.31 -0.36 -14.59
CA TRP A 227 7.42 -0.50 -15.55
C TRP A 227 6.95 -0.21 -16.95
N PRO A 228 7.09 1.04 -17.42
CA PRO A 228 6.69 1.40 -18.75
C PRO A 228 7.66 0.79 -19.76
N THR A 229 6.95 0.36 -20.95
CA THR A 229 7.83 -0.09 -22.06
C THR A 229 8.94 0.93 -22.38
N GLY A 230 10.16 0.45 -22.33
CA GLY A 230 11.39 1.14 -22.77
C GLY A 230 11.89 2.19 -21.81
N ARG A 231 11.35 2.26 -20.60
CA ARG A 231 11.66 3.37 -19.66
C ARG A 231 12.06 2.78 -18.31
N ALA A 232 12.72 3.60 -17.48
CA ALA A 232 12.93 3.23 -16.08
C ALA A 232 11.58 3.19 -15.39
N PRO A 233 11.47 2.46 -14.27
CA PRO A 233 10.20 2.39 -13.56
C PRO A 233 9.80 3.70 -12.87
N ILE A 234 8.49 3.81 -12.73
CA ILE A 234 7.80 4.91 -11.99
C ILE A 234 7.31 4.35 -10.67
N VAL A 235 7.44 5.09 -9.60
CA VAL A 235 6.78 4.72 -8.33
CA VAL A 235 6.76 4.71 -8.32
C VAL A 235 5.77 5.82 -8.02
N LEU A 236 4.57 5.46 -7.58
CA LEU A 236 3.58 6.52 -7.28
C LEU A 236 2.59 6.04 -6.26
N ALA A 237 1.99 7.02 -5.60
CA ALA A 237 1.01 6.82 -4.53
C ALA A 237 -0.14 7.78 -4.73
N VAL A 238 -1.36 7.30 -4.56
CA VAL A 238 -2.58 8.16 -4.63
C VAL A 238 -3.44 7.82 -3.42
N TYR A 239 -3.69 8.81 -2.59
CA TYR A 239 -4.49 8.63 -1.36
C TYR A 239 -5.62 9.66 -1.37
N THR A 240 -6.77 9.29 -0.83
CA THR A 240 -7.94 10.21 -0.73
C THR A 240 -8.50 10.17 0.70
N ARG A 241 -9.15 11.27 1.01
CA ARG A 241 -10.00 11.38 2.21
C ARG A 241 -10.97 12.54 1.98
N ALA A 242 -11.95 12.64 2.85
CA ALA A 242 -13.06 13.60 2.74
C ALA A 242 -13.59 13.87 4.15
N PRO A 243 -14.27 15.02 4.33
CA PRO A 243 -14.58 15.48 5.68
C PRO A 243 -15.78 14.82 6.40
N ASN A 244 -16.67 14.18 5.67
CA ASN A 244 -17.88 13.61 6.31
C ASN A 244 -17.77 12.10 6.38
N LYS A 245 -18.23 11.51 7.48
CA LYS A 245 -18.16 10.06 7.69
C LYS A 245 -18.81 9.34 6.51
N ASP A 246 -19.95 9.81 5.99
CA ASP A 246 -20.75 9.18 4.91
CA ASP A 246 -20.62 9.01 4.93
C ASP A 246 -20.22 9.49 3.53
N ASP A 247 -19.17 10.31 3.38
CA ASP A 247 -18.63 10.61 2.03
C ASP A 247 -18.06 9.30 1.45
N LYS A 248 -18.35 9.04 0.18
CA LYS A 248 -17.95 7.79 -0.48
C LYS A 248 -16.57 7.97 -1.12
N HIS A 249 -15.79 6.91 -1.01
CA HIS A 249 -14.50 6.83 -1.75
C HIS A 249 -14.85 6.62 -3.21
N SER A 250 -13.87 6.84 -4.07
CA SER A 250 -14.03 6.65 -5.53
C SER A 250 -12.77 6.00 -6.09
N GLU A 251 -12.93 4.84 -6.69
CA GLU A 251 -11.84 4.22 -7.44
C GLU A 251 -11.56 5.04 -8.69
N ALA A 252 -12.59 5.56 -9.36
CA ALA A 252 -12.43 6.39 -10.58
C ALA A 252 -11.54 7.62 -10.30
N VAL A 253 -11.70 8.24 -9.15
CA VAL A 253 -10.90 9.42 -8.81
C VAL A 253 -9.42 9.01 -8.62
N ILE A 254 -9.17 7.84 -8.01
CA ILE A 254 -7.78 7.34 -7.86
C ILE A 254 -7.17 7.14 -9.25
N ALA A 255 -7.89 6.44 -10.12
CA ALA A 255 -7.39 6.22 -11.48
C ALA A 255 -7.16 7.52 -12.23
N ALA A 256 -8.07 8.49 -12.06
CA ALA A 256 -7.96 9.79 -12.75
C ALA A 256 -6.71 10.55 -12.27
N ALA A 257 -6.46 10.50 -10.96
CA ALA A 257 -5.27 11.16 -10.39
C ALA A 257 -4.01 10.47 -10.89
N ALA A 258 -4.03 9.14 -10.95
CA ALA A 258 -2.86 8.43 -11.49
C ALA A 258 -2.60 8.84 -12.94
N ARG A 259 -3.66 8.99 -13.77
CA ARG A 259 -3.45 9.40 -15.18
C ARG A 259 -2.78 10.76 -15.24
N LEU A 260 -3.21 11.71 -14.41
CA LEU A 260 -2.62 13.05 -14.39
C LEU A 260 -1.15 12.97 -13.97
N ALA A 261 -0.84 12.08 -13.00
CA ALA A 261 0.55 11.94 -12.56
C ALA A 261 1.44 11.43 -13.70
N LEU A 262 0.98 10.44 -14.44
CA LEU A 262 1.81 9.87 -15.55
C LEU A 262 1.94 10.92 -16.64
N GLU A 263 0.88 11.69 -16.87
CA GLU A 263 0.90 12.75 -17.91
C GLU A 263 1.86 13.85 -17.49
N GLY A 264 1.97 14.18 -16.20
CA GLY A 264 2.81 15.28 -15.74
C GLY A 264 4.27 14.95 -15.64
N LEU A 265 4.66 13.68 -15.69
CA LEU A 265 6.07 13.29 -15.58
C LEU A 265 6.78 13.59 -16.88
N1 OC0 B . -14.64 -1.77 1.20
C1 OC0 B . -14.16 -1.82 2.45
N2 OC0 B . -13.77 -2.93 3.06
N3 OC0 B . -13.33 -2.72 4.36
C2 OC0 B . -13.38 -1.47 4.72
S1 OC0 B . -12.83 -0.88 6.29
C3 OC0 B . -12.56 -2.50 7.05
C4 OC0 B . -11.44 -3.36 6.52
O1 OC0 B . -11.39 -4.53 6.88
N4 OC0 B . -10.54 -2.85 5.66
C5 OC0 B . -9.37 -3.62 5.20
C6 OC0 B . -9.81 -4.69 4.18
N5 OC0 B . -9.82 -4.11 2.84
C7 OC0 B . -8.86 -4.14 1.93
C8 OC0 B . -9.27 -3.32 0.93
C9 OC0 B . -8.50 -2.90 -0.19
O2 OC0 B . -7.37 -3.37 -0.26
O3 OC0 B . -8.94 -2.07 -0.98
N6 OC0 B . -10.49 -2.83 1.26
N7 OC0 B . -10.81 -3.29 2.45
B1 OC0 B . -8.11 -2.55 4.84
O5 OC0 B . -8.37 -1.46 3.81
O6 OC0 B . -7.56 -2.13 6.15
S2 OC0 B . -14.03 -0.43 3.47
#